data_2ERC
#
_entry.id   2ERC
#
_cell.length_a   146.900
_cell.length_b   146.900
_cell.length_c   57.900
_cell.angle_alpha   90.00
_cell.angle_beta   90.00
_cell.angle_gamma   120.00
#
_symmetry.space_group_name_H-M   'P 6'
#
_entity_poly.entity_id   1
_entity_poly.type   'polypeptide(L)'
_entity_poly.pdbx_seq_one_letter_code
;MNEKNIKHSQNFITSKHNIDKIMTNIRLNEHDNIFEIGSGKGHFTLELVQRCNFVTAIEIDHKLCKTTENKLVDHDNFQV
LNKDILQFKFPKNQSYKIFGNIPYNISTDIIRKIVFDSIADEIYLIVEYGFAKRLLNTKRSLALFLMAEVDISILSMVPR
EYFHPKPKVNSSLIRLNRKKSRISHKDKQKYNYFVMKWVNKEYKKIFTKNQFNNSLKHAGIDDLNNISFEQFLSLFNSYK
LFNK
;
_entity_poly.pdbx_strand_id   A,B
#
# COMPACT_ATOMS: atom_id res chain seq x y z
N GLN A 10 -32.92 8.36 26.39
CA GLN A 10 -31.65 8.82 25.76
C GLN A 10 -31.87 10.24 25.24
N ASN A 11 -33.14 10.63 25.25
CA ASN A 11 -33.60 11.95 24.83
C ASN A 11 -33.09 12.96 25.87
N PHE A 12 -31.80 12.82 26.18
CA PHE A 12 -31.06 13.61 27.16
C PHE A 12 -30.32 14.86 26.67
N ILE A 13 -28.99 14.83 26.88
CA ILE A 13 -28.06 15.90 26.50
C ILE A 13 -28.37 17.27 27.08
N THR A 14 -29.18 17.34 28.13
CA THR A 14 -29.51 18.63 28.75
C THR A 14 -28.51 18.94 29.83
N SER A 15 -28.06 20.18 29.77
CA SER A 15 -27.07 20.69 30.67
C SER A 15 -26.44 21.89 29.99
N LYS A 16 -27.10 23.03 30.15
CA LYS A 16 -26.72 24.31 29.60
C LYS A 16 -25.23 24.51 29.26
N HIS A 17 -24.32 23.90 30.01
CA HIS A 17 -22.88 24.06 29.73
C HIS A 17 -22.38 23.40 28.47
N ASN A 18 -22.97 22.26 28.10
CA ASN A 18 -22.61 21.56 26.87
C ASN A 18 -23.36 22.25 25.73
N ILE A 19 -24.64 22.47 25.98
CA ILE A 19 -25.57 23.14 25.10
C ILE A 19 -25.15 24.60 24.84
N ASP A 20 -23.92 24.95 25.20
CA ASP A 20 -23.38 26.28 24.99
C ASP A 20 -22.03 26.13 24.32
N LYS A 21 -21.44 24.98 24.59
CA LYS A 21 -20.14 24.62 24.11
C LYS A 21 -20.21 24.04 22.69
N ILE A 22 -21.37 23.51 22.32
CA ILE A 22 -21.47 22.95 21.00
C ILE A 22 -22.15 24.00 20.13
N MET A 23 -23.04 24.78 20.73
CA MET A 23 -23.70 25.85 20.00
C MET A 23 -22.59 26.82 19.56
N THR A 24 -21.46 26.70 20.26
CA THR A 24 -20.25 27.50 20.05
C THR A 24 -19.86 27.72 18.58
N ASN A 25 -19.66 26.61 17.89
CA ASN A 25 -19.26 26.59 16.49
C ASN A 25 -20.44 26.75 15.53
N ILE A 26 -21.64 26.85 16.06
CA ILE A 26 -22.76 26.95 15.17
C ILE A 26 -23.09 28.41 14.76
N ARG A 27 -23.55 28.58 13.52
CA ARG A 27 -23.87 29.91 13.00
C ARG A 27 -25.34 30.29 12.87
N LEU A 28 -25.95 30.43 14.03
CA LEU A 28 -27.33 30.83 14.17
C LEU A 28 -27.20 32.18 14.85
N ASN A 29 -28.26 32.97 14.84
CA ASN A 29 -28.21 34.26 15.50
C ASN A 29 -29.62 34.79 15.63
N GLU A 30 -29.76 35.96 16.20
CA GLU A 30 -31.10 36.48 16.37
C GLU A 30 -31.62 37.25 15.18
N HIS A 31 -31.54 36.60 14.01
CA HIS A 31 -32.05 37.11 12.73
C HIS A 31 -32.57 35.86 12.03
N ASP A 32 -32.30 34.72 12.64
CA ASP A 32 -32.66 33.44 12.09
C ASP A 32 -33.91 32.86 12.73
N ASN A 33 -34.76 32.27 11.90
CA ASN A 33 -35.98 31.57 12.28
C ASN A 33 -35.56 30.15 12.00
N ILE A 34 -35.69 29.26 12.94
CA ILE A 34 -35.24 27.90 12.67
C ILE A 34 -36.21 26.85 13.08
N PHE A 35 -35.93 25.63 12.63
CA PHE A 35 -36.76 24.52 12.96
C PHE A 35 -35.98 23.57 13.79
N GLU A 36 -36.61 23.14 14.87
CA GLU A 36 -36.04 22.20 15.81
C GLU A 36 -36.64 20.94 15.25
N ILE A 37 -35.82 20.07 14.65
CA ILE A 37 -36.36 18.86 14.06
C ILE A 37 -36.81 17.97 15.17
N GLY A 38 -35.97 17.74 16.14
CA GLY A 38 -36.44 16.89 17.21
C GLY A 38 -36.71 17.84 18.37
N SER A 39 -37.48 17.42 19.36
CA SER A 39 -37.75 18.28 20.53
C SER A 39 -36.74 17.88 21.65
N GLY A 40 -36.65 16.56 21.96
CA GLY A 40 -35.76 16.06 23.00
C GLY A 40 -36.47 16.08 24.35
N LYS A 41 -36.09 17.01 25.21
CA LYS A 41 -36.71 17.15 26.52
C LYS A 41 -36.55 18.61 26.96
N GLY A 42 -36.91 19.54 26.07
CA GLY A 42 -36.80 20.97 26.35
C GLY A 42 -35.40 21.56 26.27
N HIS A 43 -34.40 20.74 26.59
CA HIS A 43 -32.98 21.09 26.59
C HIS A 43 -32.51 22.14 25.58
N PHE A 44 -32.60 21.78 24.30
CA PHE A 44 -32.19 22.63 23.20
C PHE A 44 -33.21 23.67 22.75
N THR A 45 -34.48 23.32 22.61
CA THR A 45 -35.49 24.30 22.16
C THR A 45 -35.45 25.54 23.03
N LEU A 46 -34.73 25.47 24.14
CA LEU A 46 -34.61 26.61 25.03
C LEU A 46 -33.38 27.49 24.73
N GLU A 47 -32.24 26.84 24.60
CA GLU A 47 -30.96 27.50 24.27
C GLU A 47 -31.06 28.27 22.94
N LEU A 48 -31.91 27.79 22.03
CA LEU A 48 -32.07 28.45 20.75
C LEU A 48 -33.09 29.58 20.83
N VAL A 49 -34.20 29.38 21.53
CA VAL A 49 -35.21 30.43 21.58
C VAL A 49 -34.64 31.81 21.94
N GLN A 50 -33.54 31.81 22.69
CA GLN A 50 -32.96 33.09 23.05
C GLN A 50 -31.76 33.38 22.16
N ARG A 51 -31.31 32.37 21.43
CA ARG A 51 -30.16 32.54 20.57
C ARG A 51 -30.56 32.99 19.16
N CYS A 52 -31.69 32.48 18.67
CA CYS A 52 -32.21 32.80 17.33
C CYS A 52 -33.45 33.65 17.47
N ASN A 53 -33.93 34.22 16.36
CA ASN A 53 -35.15 35.00 16.43
C ASN A 53 -36.27 34.13 16.89
N PHE A 54 -36.88 33.44 15.94
CA PHE A 54 -37.95 32.59 16.30
C PHE A 54 -37.46 31.15 16.30
N VAL A 55 -38.30 30.24 16.73
CA VAL A 55 -37.98 28.83 16.70
C VAL A 55 -39.33 28.18 16.56
N THR A 56 -39.32 27.01 15.95
CA THR A 56 -40.51 26.19 15.74
C THR A 56 -39.99 24.80 15.92
N ALA A 57 -40.30 24.20 17.05
CA ALA A 57 -39.82 22.87 17.30
C ALA A 57 -40.82 21.90 16.68
N ILE A 58 -40.43 20.63 16.66
CA ILE A 58 -41.26 19.58 16.13
C ILE A 58 -40.85 18.28 16.82
N GLU A 59 -41.87 17.58 17.31
CA GLU A 59 -41.74 16.26 17.96
C GLU A 59 -43.18 15.85 17.92
N ILE A 60 -43.49 14.59 17.67
CA ILE A 60 -44.89 14.24 17.57
C ILE A 60 -45.64 14.04 18.90
N ASP A 61 -45.28 13.03 19.70
CA ASP A 61 -46.03 12.79 20.94
C ASP A 61 -46.36 14.02 21.76
N HIS A 62 -47.63 14.13 22.12
CA HIS A 62 -48.18 15.23 22.90
C HIS A 62 -47.47 15.55 24.20
N LYS A 63 -47.05 14.53 24.93
CA LYS A 63 -46.37 14.79 26.18
C LYS A 63 -45.27 15.83 25.93
N LEU A 64 -44.20 15.39 25.29
CA LEU A 64 -43.05 16.23 24.95
C LEU A 64 -43.36 17.71 24.69
N CYS A 65 -44.32 17.99 23.81
CA CYS A 65 -44.67 19.37 23.54
C CYS A 65 -45.01 20.16 24.79
N LYS A 66 -45.71 19.51 25.74
CA LYS A 66 -46.09 20.18 26.98
C LYS A 66 -44.78 20.45 27.72
N THR A 67 -43.98 19.40 27.87
CA THR A 67 -42.69 19.54 28.51
C THR A 67 -42.03 20.82 28.00
N THR A 68 -41.79 20.87 26.70
CA THR A 68 -41.18 22.03 26.07
C THR A 68 -42.01 23.24 26.44
N GLU A 69 -43.26 23.22 26.02
CA GLU A 69 -44.20 24.29 26.28
C GLU A 69 -43.87 25.14 27.51
N ASN A 70 -43.45 24.48 28.59
CA ASN A 70 -43.14 25.12 29.88
C ASN A 70 -41.72 25.48 30.04
N LYS A 71 -40.84 24.56 29.69
CA LYS A 71 -39.43 24.84 29.82
C LYS A 71 -39.12 26.13 29.08
N LEU A 72 -40.15 26.73 28.48
CA LEU A 72 -40.04 27.98 27.72
C LEU A 72 -40.97 29.12 28.17
N VAL A 73 -40.75 29.67 29.35
CA VAL A 73 -41.58 30.76 29.84
C VAL A 73 -40.83 32.07 29.82
N ASP A 74 -41.59 33.17 29.75
CA ASP A 74 -40.99 34.50 29.69
C ASP A 74 -40.16 34.40 28.40
N HIS A 75 -40.67 33.56 27.49
CA HIS A 75 -40.09 33.30 26.17
C HIS A 75 -41.23 32.97 25.20
N ASP A 76 -41.55 33.88 24.28
CA ASP A 76 -42.64 33.67 23.32
C ASP A 76 -42.29 33.38 21.84
N ASN A 77 -41.12 32.77 21.59
CA ASN A 77 -40.67 32.37 20.24
C ASN A 77 -41.17 30.94 20.26
N PHE A 78 -42.48 30.79 20.16
CA PHE A 78 -43.02 29.49 20.29
C PHE A 78 -43.08 28.52 19.16
N GLN A 79 -44.26 27.96 18.95
CA GLN A 79 -44.45 26.95 17.96
C GLN A 79 -43.74 25.65 18.37
N VAL A 80 -44.48 24.70 18.91
CA VAL A 80 -43.85 23.43 19.23
C VAL A 80 -44.71 22.30 18.70
N LEU A 81 -45.11 22.46 17.43
CA LEU A 81 -45.92 21.46 16.73
C LEU A 81 -45.51 20.02 17.07
N ASN A 82 -46.49 19.13 17.05
CA ASN A 82 -46.18 17.75 17.37
C ASN A 82 -46.54 16.77 16.24
N LYS A 83 -46.19 17.08 15.01
CA LYS A 83 -46.50 16.17 13.93
C LYS A 83 -45.29 15.39 13.41
N ASP A 84 -45.57 14.52 12.43
CA ASP A 84 -44.56 13.67 11.81
C ASP A 84 -43.77 14.57 10.88
N ILE A 85 -42.49 14.75 11.17
CA ILE A 85 -41.64 15.62 10.35
C ILE A 85 -41.71 15.23 8.88
N LEU A 86 -41.58 13.93 8.62
CA LEU A 86 -41.61 13.42 7.28
C LEU A 86 -42.79 14.02 6.53
N GLN A 87 -43.91 14.15 7.23
CA GLN A 87 -45.15 14.70 6.69
C GLN A 87 -45.22 16.25 6.77
N PHE A 88 -44.32 16.85 7.55
CA PHE A 88 -44.28 18.29 7.74
C PHE A 88 -44.07 19.09 6.46
N LYS A 89 -44.77 20.20 6.27
CA LYS A 89 -44.56 21.03 5.06
C LYS A 89 -43.70 22.23 5.37
N PHE A 90 -42.39 22.12 5.15
CA PHE A 90 -41.51 23.27 5.40
C PHE A 90 -41.84 24.45 4.50
N PRO A 91 -41.61 25.64 5.01
CA PRO A 91 -41.90 26.80 4.16
C PRO A 91 -41.05 26.85 2.87
N LYS A 92 -41.64 27.38 1.80
CA LYS A 92 -40.97 27.53 0.50
C LYS A 92 -40.89 28.99 0.08
N ASN A 93 -40.99 29.85 1.09
CA ASN A 93 -40.94 31.31 0.93
C ASN A 93 -39.83 31.95 1.78
N GLN A 94 -40.15 32.25 3.04
CA GLN A 94 -39.20 32.84 3.98
C GLN A 94 -37.94 31.97 4.09
N SER A 95 -36.84 32.58 4.51
CA SER A 95 -35.56 31.88 4.66
C SER A 95 -35.37 31.45 6.08
N TYR A 96 -34.72 30.31 6.29
CA TYR A 96 -34.52 29.83 7.65
C TYR A 96 -33.48 28.70 7.81
N LYS A 97 -33.23 28.30 9.05
CA LYS A 97 -32.27 27.27 9.28
C LYS A 97 -32.94 26.06 9.92
N ILE A 98 -32.13 25.10 10.37
CA ILE A 98 -32.65 23.87 10.98
C ILE A 98 -31.63 23.23 11.92
N PHE A 99 -32.14 22.73 13.06
CA PHE A 99 -31.36 22.10 14.10
C PHE A 99 -32.09 20.85 14.59
N GLY A 100 -31.36 19.79 14.87
CA GLY A 100 -32.00 18.56 15.33
C GLY A 100 -31.09 17.65 16.17
N ASN A 101 -31.47 17.46 17.44
CA ASN A 101 -30.69 16.61 18.33
C ASN A 101 -31.46 15.33 18.35
N ILE A 102 -31.51 14.74 17.19
CA ILE A 102 -32.23 13.52 17.02
C ILE A 102 -31.27 12.36 16.80
N PRO A 103 -29.99 12.45 17.31
CA PRO A 103 -29.17 11.27 17.01
C PRO A 103 -29.94 10.11 17.63
N TYR A 104 -29.87 8.91 17.05
CA TYR A 104 -30.65 7.81 17.62
C TYR A 104 -32.05 8.35 17.32
N ASN A 105 -32.67 7.89 16.24
CA ASN A 105 -34.02 8.35 15.86
C ASN A 105 -33.89 9.00 14.49
N ILE A 106 -32.68 9.46 14.20
CA ILE A 106 -32.36 10.12 12.93
C ILE A 106 -32.20 9.03 11.88
N SER A 107 -32.99 9.14 10.82
CA SER A 107 -32.94 8.18 9.73
C SER A 107 -32.39 8.89 8.51
N THR A 108 -32.64 8.29 7.36
CA THR A 108 -32.21 8.87 6.11
C THR A 108 -33.44 9.58 5.57
N ASP A 109 -34.60 9.06 5.94
CA ASP A 109 -35.84 9.69 5.46
C ASP A 109 -36.03 11.06 6.08
N ILE A 110 -35.48 11.25 7.29
CA ILE A 110 -35.59 12.56 7.91
C ILE A 110 -34.55 13.44 7.31
N ILE A 111 -33.40 12.87 6.97
CA ILE A 111 -32.30 13.64 6.35
C ILE A 111 -32.70 14.11 4.95
N ARG A 112 -33.63 13.41 4.31
CA ARG A 112 -34.07 13.77 2.98
C ARG A 112 -35.09 14.90 3.05
N LYS A 113 -36.11 14.70 3.86
CA LYS A 113 -37.15 15.69 4.09
C LYS A 113 -36.36 16.98 4.20
N ILE A 114 -35.64 17.06 5.32
CA ILE A 114 -34.75 18.13 5.71
C ILE A 114 -33.93 18.75 4.56
N VAL A 115 -33.23 17.93 3.76
CA VAL A 115 -32.39 18.47 2.68
C VAL A 115 -33.04 18.68 1.30
N PHE A 116 -33.78 17.70 0.80
CA PHE A 116 -34.36 17.88 -0.51
C PHE A 116 -35.74 18.45 -0.46
N ASP A 117 -36.36 18.48 0.71
CA ASP A 117 -37.70 19.05 0.75
C ASP A 117 -37.94 20.34 1.55
N SER A 118 -36.89 21.13 1.74
CA SER A 118 -37.00 22.42 2.40
C SER A 118 -35.93 23.30 1.76
N ILE A 119 -36.05 24.61 1.94
CA ILE A 119 -35.09 25.54 1.37
C ILE A 119 -34.27 26.06 2.53
N ALA A 120 -34.24 25.26 3.59
CA ALA A 120 -33.46 25.57 4.76
C ALA A 120 -32.08 25.91 4.23
N ASP A 121 -31.55 27.08 4.62
CA ASP A 121 -30.24 27.52 4.18
C ASP A 121 -29.17 26.67 4.81
N GLU A 122 -29.28 26.43 6.10
CA GLU A 122 -28.31 25.63 6.80
C GLU A 122 -28.97 24.63 7.72
N ILE A 123 -28.35 23.46 7.82
CA ILE A 123 -28.87 22.39 8.65
C ILE A 123 -27.82 21.86 9.59
N TYR A 124 -28.01 22.14 10.88
CA TYR A 124 -27.10 21.67 11.91
C TYR A 124 -27.77 20.51 12.60
N LEU A 125 -27.01 19.46 12.89
CA LEU A 125 -27.62 18.33 13.54
C LEU A 125 -26.58 17.38 14.06
N ILE A 126 -26.79 16.94 15.28
CA ILE A 126 -25.90 15.99 15.93
C ILE A 126 -26.39 14.62 15.44
N VAL A 127 -25.43 13.78 15.05
CA VAL A 127 -25.75 12.46 14.54
C VAL A 127 -24.65 11.48 14.96
N GLU A 128 -25.02 10.21 15.17
CA GLU A 128 -24.04 9.21 15.55
C GLU A 128 -22.88 9.39 14.58
N TYR A 129 -21.65 9.45 15.09
CA TYR A 129 -20.49 9.68 14.20
C TYR A 129 -20.45 8.74 13.00
N GLY A 130 -20.98 7.53 13.18
CA GLY A 130 -20.98 6.54 12.12
C GLY A 130 -21.94 6.91 11.01
N PHE A 131 -23.00 7.61 11.37
CA PHE A 131 -24.03 8.06 10.44
C PHE A 131 -23.46 9.20 9.60
N ALA A 132 -22.36 9.77 10.06
CA ALA A 132 -21.73 10.83 9.33
C ALA A 132 -21.16 10.36 7.99
N LYS A 133 -20.32 9.31 7.98
CA LYS A 133 -19.73 8.82 6.71
C LYS A 133 -20.83 8.35 5.77
N ARG A 134 -21.86 7.75 6.36
CA ARG A 134 -23.03 7.25 5.66
C ARG A 134 -23.48 8.36 4.71
N LEU A 135 -23.20 9.59 5.11
CA LEU A 135 -23.55 10.77 4.36
C LEU A 135 -22.29 11.31 3.69
N LEU A 136 -21.16 10.92 4.24
CA LEU A 136 -19.92 11.44 3.72
C LEU A 136 -19.15 10.57 2.77
N ASN A 137 -19.71 9.49 2.22
CA ASN A 137 -18.87 8.74 1.28
C ASN A 137 -19.48 8.53 -0.05
N THR A 138 -18.62 8.67 -1.05
CA THR A 138 -19.06 8.47 -2.41
C THR A 138 -19.32 6.98 -2.54
N LYS A 139 -19.73 6.55 -3.73
CA LYS A 139 -20.04 5.14 -3.93
C LYS A 139 -20.94 4.86 -2.72
N ARG A 140 -22.03 5.63 -2.72
CA ARG A 140 -23.08 5.61 -1.69
C ARG A 140 -23.99 6.75 -2.23
N SER A 141 -25.05 6.37 -2.94
CA SER A 141 -25.91 7.38 -3.54
C SER A 141 -26.34 8.49 -2.61
N LEU A 142 -26.82 8.12 -1.43
CA LEU A 142 -27.29 9.10 -0.46
C LEU A 142 -26.34 10.29 -0.42
N ALA A 143 -25.05 10.01 -0.31
CA ALA A 143 -24.04 11.04 -0.27
C ALA A 143 -23.94 11.73 -1.61
N LEU A 144 -23.84 10.94 -2.66
CA LEU A 144 -23.71 11.50 -3.98
C LEU A 144 -24.88 12.37 -4.30
N PHE A 145 -26.04 12.09 -3.69
CA PHE A 145 -27.23 12.91 -3.90
C PHE A 145 -27.20 14.22 -3.07
N LEU A 146 -26.98 14.10 -1.77
CA LEU A 146 -26.93 15.27 -0.90
C LEU A 146 -25.82 16.23 -1.31
N MET A 147 -24.66 15.67 -1.64
CA MET A 147 -23.54 16.48 -1.97
C MET A 147 -23.74 17.38 -3.16
N ALA A 148 -24.84 17.17 -3.88
CA ALA A 148 -25.08 17.98 -5.08
C ALA A 148 -25.70 19.33 -4.79
N GLU A 149 -26.03 19.57 -3.53
CA GLU A 149 -26.60 20.85 -3.12
C GLU A 149 -26.10 21.32 -1.78
N VAL A 150 -26.11 20.43 -0.80
CA VAL A 150 -25.56 20.75 0.52
C VAL A 150 -24.08 20.35 0.64
N ASP A 151 -23.36 21.00 1.55
CA ASP A 151 -21.93 20.74 1.83
C ASP A 151 -21.79 20.14 3.22
N ILE A 152 -21.51 18.83 3.26
CA ILE A 152 -21.44 18.19 4.55
C ILE A 152 -20.08 18.28 5.20
N SER A 153 -20.10 18.64 6.49
CA SER A 153 -18.87 18.78 7.28
C SER A 153 -19.05 18.54 8.76
N ILE A 154 -18.04 17.90 9.35
CA ILE A 154 -18.02 17.62 10.78
C ILE A 154 -17.70 18.96 11.40
N LEU A 155 -18.50 19.39 12.36
CA LEU A 155 -18.25 20.67 12.96
C LEU A 155 -17.68 20.49 14.33
N SER A 156 -18.17 19.47 15.02
CA SER A 156 -17.74 19.14 16.38
C SER A 156 -17.99 17.66 16.65
N MET A 157 -17.73 17.25 17.88
CA MET A 157 -17.98 15.89 18.30
C MET A 157 -18.83 16.03 19.55
N VAL A 158 -19.27 14.91 20.08
CA VAL A 158 -20.07 14.96 21.27
C VAL A 158 -19.59 13.78 22.11
N PRO A 159 -18.35 13.88 22.62
CA PRO A 159 -17.68 12.87 23.45
C PRO A 159 -18.45 12.52 24.72
N ARG A 160 -17.76 11.86 25.64
CA ARG A 160 -18.33 11.42 26.92
C ARG A 160 -19.80 11.03 26.77
N GLU A 161 -20.54 11.16 27.85
CA GLU A 161 -21.94 10.81 27.83
C GLU A 161 -22.78 12.07 27.94
N TYR A 162 -22.41 13.09 27.17
CA TYR A 162 -23.13 14.36 27.16
C TYR A 162 -24.63 14.09 27.09
N PHE A 163 -24.97 12.84 26.78
CA PHE A 163 -26.35 12.39 26.65
C PHE A 163 -26.75 11.48 27.84
N HIS A 164 -26.20 10.27 27.83
CA HIS A 164 -26.45 9.27 28.84
C HIS A 164 -25.54 8.12 28.36
N PRO A 165 -26.05 6.89 28.10
CA PRO A 165 -25.10 5.88 27.64
C PRO A 165 -25.02 5.79 26.10
N LYS A 166 -25.34 4.59 25.60
CA LYS A 166 -25.40 4.23 24.18
C LYS A 166 -24.09 4.17 23.42
N PRO A 167 -22.96 4.51 24.08
CA PRO A 167 -21.78 4.42 23.24
C PRO A 167 -21.57 3.02 22.69
N LYS A 168 -20.50 2.91 21.93
CA LYS A 168 -20.01 1.75 21.20
C LYS A 168 -19.27 2.70 20.26
N VAL A 169 -20.00 3.80 19.99
CA VAL A 169 -19.62 4.92 19.13
C VAL A 169 -19.92 6.23 19.86
N ASN A 170 -19.85 7.33 19.10
CA ASN A 170 -20.10 8.69 19.59
C ASN A 170 -21.08 9.44 18.68
N SER A 171 -21.37 10.67 19.03
CA SER A 171 -22.21 11.48 18.21
C SER A 171 -21.21 12.46 17.63
N SER A 172 -21.69 13.41 16.86
CA SER A 172 -20.81 14.42 16.29
C SER A 172 -21.67 15.43 15.55
N LEU A 173 -21.39 16.71 15.77
CA LEU A 173 -22.16 17.80 15.14
C LEU A 173 -21.80 17.99 13.68
N ILE A 174 -22.81 18.04 12.83
CA ILE A 174 -22.56 18.19 11.40
C ILE A 174 -23.26 19.44 10.86
N ARG A 175 -22.67 20.06 9.84
CA ARG A 175 -23.28 21.22 9.19
C ARG A 175 -23.55 20.89 7.71
N LEU A 176 -24.78 21.17 7.26
CA LEU A 176 -25.19 20.95 5.86
C LEU A 176 -25.59 22.32 5.28
N ASN A 177 -24.65 22.95 4.60
CA ASN A 177 -24.87 24.28 4.03
C ASN A 177 -24.93 24.19 2.49
N ARG A 178 -25.97 24.76 1.88
CA ARG A 178 -26.15 24.72 0.43
C ARG A 178 -25.29 25.69 -0.39
N LYS A 179 -25.18 25.45 -1.70
CA LYS A 179 -24.52 26.39 -2.65
C LYS A 179 -25.53 26.49 -3.78
N LYS A 180 -25.56 27.57 -4.58
CA LYS A 180 -26.60 27.65 -5.62
C LYS A 180 -26.50 26.37 -6.37
N SER A 181 -25.26 26.07 -6.67
CA SER A 181 -24.90 24.89 -7.37
C SER A 181 -25.83 24.03 -8.13
N ARG A 182 -25.18 23.62 -9.19
CA ARG A 182 -25.62 22.76 -10.22
C ARG A 182 -26.53 21.61 -9.95
N ILE A 183 -26.39 20.70 -10.88
CA ILE A 183 -27.18 19.54 -10.95
C ILE A 183 -28.53 20.23 -11.11
N SER A 184 -28.61 20.95 -12.22
CA SER A 184 -29.79 21.68 -12.64
C SER A 184 -31.02 20.82 -12.58
N HIS A 185 -32.08 21.31 -11.96
CA HIS A 185 -33.31 20.56 -11.93
C HIS A 185 -33.50 20.04 -13.36
N LYS A 186 -33.13 20.89 -14.33
CA LYS A 186 -33.25 20.55 -15.74
C LYS A 186 -32.80 19.11 -15.86
N ASP A 187 -31.49 18.90 -15.76
CA ASP A 187 -30.94 17.56 -15.85
C ASP A 187 -30.75 17.03 -14.44
N LYS A 188 -31.83 16.56 -13.84
CA LYS A 188 -31.74 16.04 -12.50
C LYS A 188 -32.29 14.64 -12.49
N GLN A 189 -33.03 14.27 -13.51
CA GLN A 189 -33.48 12.90 -13.53
C GLN A 189 -32.26 12.16 -14.06
N LYS A 190 -31.50 12.85 -14.91
CA LYS A 190 -30.26 12.36 -15.53
C LYS A 190 -29.14 12.15 -14.52
N TYR A 191 -29.07 13.04 -13.54
CA TYR A 191 -28.06 12.95 -12.51
C TYR A 191 -28.38 11.83 -11.57
N ASN A 192 -29.67 11.51 -11.44
CA ASN A 192 -30.06 10.43 -10.52
C ASN A 192 -29.73 9.09 -11.13
N TYR A 193 -30.00 8.95 -12.43
CA TYR A 193 -29.72 7.71 -13.11
C TYR A 193 -28.26 7.51 -12.82
N PHE A 194 -27.46 8.37 -13.44
CA PHE A 194 -26.03 8.35 -13.30
C PHE A 194 -25.65 7.92 -11.87
N VAL A 195 -26.04 8.70 -10.87
CA VAL A 195 -25.74 8.36 -9.49
C VAL A 195 -26.16 6.92 -9.25
N MET A 196 -27.41 6.59 -9.61
CA MET A 196 -27.96 5.24 -9.47
C MET A 196 -27.06 4.14 -10.07
N LYS A 197 -26.87 4.22 -11.39
CA LYS A 197 -26.05 3.25 -12.12
C LYS A 197 -24.62 3.21 -11.59
N TRP A 198 -23.99 4.37 -11.47
CA TRP A 198 -22.64 4.42 -10.96
C TRP A 198 -22.45 3.63 -9.65
N VAL A 199 -23.14 4.02 -8.58
CA VAL A 199 -23.00 3.30 -7.31
C VAL A 199 -23.32 1.82 -7.52
N ASN A 200 -24.28 1.53 -8.40
CA ASN A 200 -24.66 0.14 -8.67
C ASN A 200 -23.64 -0.55 -9.58
N LYS A 201 -22.46 0.06 -9.70
CA LYS A 201 -21.39 -0.50 -10.49
C LYS A 201 -21.77 -0.79 -11.94
N GLU A 202 -23.04 -0.56 -12.29
CA GLU A 202 -23.52 -0.82 -13.64
C GLU A 202 -22.98 0.18 -14.67
N TYR A 203 -21.65 0.30 -14.78
CA TYR A 203 -21.12 1.29 -15.69
C TYR A 203 -21.50 1.04 -17.13
N LYS A 204 -22.07 -0.13 -17.38
CA LYS A 204 -22.49 -0.53 -18.72
C LYS A 204 -23.72 0.26 -19.17
N LYS A 205 -24.40 0.90 -18.22
CA LYS A 205 -25.60 1.68 -18.54
C LYS A 205 -25.20 3.17 -18.67
N ILE A 206 -24.12 3.57 -18.00
CA ILE A 206 -23.69 4.98 -18.06
C ILE A 206 -23.08 5.22 -19.42
N PHE A 207 -21.76 5.26 -19.49
CA PHE A 207 -21.09 5.47 -20.77
C PHE A 207 -20.61 4.14 -21.32
N THR A 208 -20.07 4.15 -22.55
CA THR A 208 -19.52 2.95 -23.21
C THR A 208 -18.07 2.92 -22.76
N LYS A 209 -17.39 1.80 -22.96
CA LYS A 209 -15.99 1.67 -22.55
C LYS A 209 -15.05 2.65 -23.26
N ASN A 210 -15.50 3.21 -24.38
CA ASN A 210 -14.72 4.20 -25.13
C ASN A 210 -14.71 5.41 -24.19
N GLN A 211 -15.80 5.51 -23.45
CA GLN A 211 -16.05 6.59 -22.53
C GLN A 211 -15.63 6.33 -21.07
N PHE A 212 -16.01 5.19 -20.51
CA PHE A 212 -15.61 4.90 -19.13
C PHE A 212 -14.14 5.16 -18.88
N ASN A 213 -13.36 5.25 -19.96
CA ASN A 213 -11.92 5.47 -19.85
C ASN A 213 -11.51 6.95 -19.77
N ASN A 214 -11.47 7.68 -20.89
CA ASN A 214 -11.08 9.10 -20.81
C ASN A 214 -11.84 9.83 -19.75
N SER A 215 -13.06 9.41 -19.56
CA SER A 215 -13.83 10.03 -18.54
C SER A 215 -13.01 9.91 -17.24
N LEU A 216 -12.68 8.68 -16.86
CA LEU A 216 -11.88 8.43 -15.65
C LEU A 216 -10.52 9.15 -15.72
N LYS A 217 -9.92 9.11 -16.90
CA LYS A 217 -8.62 9.69 -17.14
C LYS A 217 -8.68 11.21 -17.09
N HIS A 218 -9.85 11.75 -17.36
CA HIS A 218 -10.00 13.20 -17.42
C HIS A 218 -10.29 13.75 -16.05
N ALA A 219 -10.95 12.92 -15.27
CA ALA A 219 -11.30 13.24 -13.90
C ALA A 219 -10.04 12.90 -13.11
N GLY A 220 -9.09 12.27 -13.79
CA GLY A 220 -7.87 11.88 -13.12
C GLY A 220 -8.20 10.89 -12.04
N ILE A 221 -8.88 9.81 -12.43
CA ILE A 221 -9.31 8.80 -11.47
C ILE A 221 -8.53 7.48 -11.52
N ASP A 222 -7.89 7.13 -10.40
CA ASP A 222 -7.17 5.87 -10.31
C ASP A 222 -7.95 4.96 -9.40
N ASP A 223 -7.91 5.23 -8.11
CA ASP A 223 -8.58 4.40 -7.12
C ASP A 223 -10.10 4.36 -7.31
N LEU A 224 -10.55 4.34 -8.56
CA LEU A 224 -11.94 4.28 -8.98
C LEU A 224 -12.93 3.86 -7.89
N ASN A 225 -12.49 3.04 -6.94
CA ASN A 225 -13.33 2.61 -5.83
C ASN A 225 -13.39 3.69 -4.76
N ASN A 226 -12.62 4.76 -4.94
CA ASN A 226 -12.64 5.88 -3.99
C ASN A 226 -12.69 7.17 -4.78
N ILE A 227 -13.91 7.59 -5.16
CA ILE A 227 -14.14 8.82 -5.95
C ILE A 227 -14.21 10.05 -5.03
N SER A 228 -14.15 11.25 -5.60
CA SER A 228 -14.16 12.46 -4.78
C SER A 228 -15.34 13.38 -5.06
N PHE A 229 -16.46 12.81 -5.46
CA PHE A 229 -17.61 13.62 -5.81
C PHE A 229 -17.12 14.49 -6.94
N GLU A 230 -16.17 15.39 -6.65
CA GLU A 230 -15.54 16.29 -7.63
C GLU A 230 -15.26 15.48 -8.88
N GLN A 231 -14.71 14.30 -8.68
CA GLN A 231 -14.42 13.41 -9.79
C GLN A 231 -15.73 12.87 -10.31
N PHE A 232 -16.62 12.47 -9.41
CA PHE A 232 -17.93 12.00 -9.81
C PHE A 232 -18.55 13.14 -10.59
N LEU A 233 -18.19 14.35 -10.22
CA LEU A 233 -18.73 15.49 -10.89
C LEU A 233 -18.18 15.43 -12.30
N SER A 234 -16.86 15.40 -12.42
CA SER A 234 -16.28 15.35 -13.74
C SER A 234 -17.01 14.30 -14.57
N LEU A 235 -17.14 13.10 -14.02
CA LEU A 235 -17.81 12.00 -14.71
C LEU A 235 -19.16 12.42 -15.25
N PHE A 236 -20.08 12.76 -14.33
CA PHE A 236 -21.41 13.16 -14.74
C PHE A 236 -21.32 14.12 -15.90
N ASN A 237 -20.47 15.13 -15.80
CA ASN A 237 -20.32 16.10 -16.90
C ASN A 237 -19.93 15.43 -18.21
N SER A 238 -18.90 14.59 -18.18
CA SER A 238 -18.45 13.88 -19.39
C SER A 238 -19.66 13.15 -19.93
N TYR A 239 -20.23 12.36 -19.03
CA TYR A 239 -21.42 11.58 -19.31
C TYR A 239 -22.42 12.52 -19.96
N LYS A 240 -22.78 13.55 -19.23
CA LYS A 240 -23.73 14.55 -19.72
C LYS A 240 -23.42 14.98 -21.15
N LEU A 241 -22.16 15.01 -21.53
CA LEU A 241 -21.87 15.42 -22.89
C LEU A 241 -21.22 14.33 -23.67
N PHE A 242 -21.96 13.23 -23.90
CA PHE A 242 -21.42 12.12 -24.68
C PHE A 242 -22.22 11.60 -25.82
N ASN A 243 -23.49 11.25 -25.63
CA ASN A 243 -24.23 10.73 -26.79
C ASN A 243 -23.42 9.56 -27.36
N LYS A 244 -23.59 8.38 -26.78
CA LYS A 244 -22.85 7.16 -27.17
C LYS A 244 -21.38 7.37 -26.86
N GLN B 10 35.22 -24.63 11.51
CA GLN B 10 34.23 -24.26 10.44
C GLN B 10 32.99 -25.25 10.39
N ASN B 11 31.95 -25.06 11.23
CA ASN B 11 30.67 -25.88 11.31
C ASN B 11 30.67 -26.96 10.16
N PHE B 12 30.50 -28.26 10.43
CA PHE B 12 30.49 -29.24 9.33
C PHE B 12 29.14 -29.85 8.92
N ILE B 13 29.17 -30.82 8.01
CA ILE B 13 27.92 -31.41 7.51
C ILE B 13 28.02 -32.86 6.98
N THR B 14 29.03 -33.62 7.42
CA THR B 14 29.19 -35.00 6.96
C THR B 14 28.01 -35.86 7.42
N SER B 15 27.28 -36.41 6.46
CA SER B 15 26.11 -37.26 6.70
C SER B 15 25.33 -37.54 5.40
N LYS B 16 25.98 -38.33 4.53
CA LYS B 16 25.53 -38.82 3.23
C LYS B 16 24.09 -38.59 2.78
N HIS B 17 23.12 -38.90 3.62
CA HIS B 17 21.71 -38.76 3.25
C HIS B 17 21.28 -37.36 2.89
N ASN B 18 21.85 -36.35 3.55
CA ASN B 18 21.52 -34.97 3.21
C ASN B 18 22.35 -34.61 1.96
N ILE B 19 23.63 -34.98 2.03
CA ILE B 19 24.63 -34.79 1.00
C ILE B 19 24.27 -35.58 -0.26
N ASP B 20 23.03 -36.06 -0.33
CA ASP B 20 22.55 -36.78 -1.53
C ASP B 20 21.25 -36.12 -1.92
N LYS B 21 20.61 -35.56 -0.91
CA LYS B 21 19.33 -34.90 -1.06
C LYS B 21 19.47 -33.46 -1.58
N ILE B 22 20.63 -32.85 -1.34
CA ILE B 22 20.78 -31.50 -1.81
C ILE B 22 21.53 -31.59 -3.12
N MET B 23 22.40 -32.58 -3.25
CA MET B 23 23.13 -32.76 -4.50
C MET B 23 22.07 -33.04 -5.58
N THR B 24 20.90 -33.46 -5.11
CA THR B 24 19.75 -33.80 -5.93
C THR B 24 19.43 -32.85 -7.09
N ASN B 25 19.28 -31.59 -6.76
CA ASN B 25 18.94 -30.55 -7.71
C ASN B 25 20.16 -29.96 -8.37
N ILE B 26 21.33 -30.47 -8.02
CA ILE B 26 22.53 -29.89 -8.60
C ILE B 26 22.94 -30.54 -9.93
N ARG B 27 23.41 -29.71 -10.88
CA ARG B 27 23.79 -30.24 -12.18
C ARG B 27 25.26 -30.42 -12.46
N LEU B 28 25.81 -31.43 -11.79
CA LEU B 28 27.20 -31.82 -11.92
C LEU B 28 27.05 -33.23 -12.45
N ASN B 29 28.13 -33.78 -12.99
CA ASN B 29 28.07 -35.15 -13.51
C ASN B 29 29.48 -35.62 -13.72
N GLU B 30 29.63 -36.84 -14.22
CA GLU B 30 30.96 -37.34 -14.43
C GLU B 30 31.60 -36.99 -15.76
N HIS B 31 31.55 -35.69 -16.07
CA HIS B 31 32.17 -35.11 -17.28
C HIS B 31 32.71 -33.76 -16.78
N ASP B 32 32.33 -33.48 -15.53
CA ASP B 32 32.70 -32.25 -14.88
C ASP B 32 33.87 -32.36 -13.98
N ASN B 33 34.76 -31.36 -14.08
CA ASN B 33 35.96 -31.17 -13.25
C ASN B 33 35.53 -29.99 -12.41
N ILE B 34 35.57 -30.09 -11.09
CA ILE B 34 35.11 -28.98 -10.30
C ILE B 34 36.04 -28.58 -9.20
N PHE B 35 35.73 -27.43 -8.61
CA PHE B 35 36.51 -26.95 -7.51
C PHE B 35 35.66 -26.92 -6.28
N GLU B 36 36.24 -27.42 -5.20
CA GLU B 36 35.59 -27.49 -3.91
C GLU B 36 36.20 -26.25 -3.32
N ILE B 37 35.40 -25.21 -3.10
CA ILE B 37 35.96 -23.98 -2.55
C ILE B 37 36.23 -24.27 -1.12
N GLY B 38 35.23 -24.82 -0.44
CA GLY B 38 35.41 -25.14 0.95
C GLY B 38 35.89 -26.56 1.11
N SER B 39 36.68 -26.88 2.13
CA SER B 39 37.04 -28.27 2.34
C SER B 39 35.95 -28.91 3.26
N GLY B 40 35.75 -28.29 4.42
CA GLY B 40 34.77 -28.78 5.38
C GLY B 40 35.42 -29.79 6.31
N LYS B 41 34.98 -31.05 6.22
CA LYS B 41 35.54 -32.12 7.04
C LYS B 41 35.39 -33.42 6.23
N GLY B 42 35.82 -33.38 4.95
CA GLY B 42 35.72 -34.53 4.06
C GLY B 42 34.33 -34.81 3.47
N HIS B 43 33.31 -34.52 4.27
CA HIS B 43 31.90 -34.71 3.94
C HIS B 43 31.51 -34.64 2.45
N PHE B 44 31.62 -33.46 1.87
CA PHE B 44 31.29 -33.20 0.48
C PHE B 44 32.36 -33.57 -0.56
N THR B 45 33.65 -33.27 -0.32
CA THR B 45 34.69 -33.62 -1.30
C THR B 45 34.64 -35.09 -1.64
N LEU B 46 33.88 -35.85 -0.87
CA LEU B 46 33.78 -37.29 -1.12
C LEU B 46 32.60 -37.63 -2.04
N GLU B 47 31.43 -37.04 -1.73
CA GLU B 47 30.19 -37.21 -2.49
C GLU B 47 30.37 -36.75 -3.94
N LEU B 48 31.24 -35.77 -4.15
CA LEU B 48 31.52 -35.26 -5.49
C LEU B 48 32.55 -36.10 -6.22
N VAL B 49 33.61 -36.52 -5.54
CA VAL B 49 34.64 -37.29 -6.22
C VAL B 49 34.10 -38.46 -7.04
N GLN B 50 32.97 -38.99 -6.61
CA GLN B 50 32.40 -40.09 -7.34
C GLN B 50 31.25 -39.60 -8.24
N ARG B 51 30.83 -38.36 -8.01
CA ARG B 51 29.73 -37.80 -8.79
C ARG B 51 30.21 -37.06 -10.02
N CYS B 52 31.30 -36.32 -9.89
CA CYS B 52 31.86 -35.52 -10.98
C CYS B 52 33.13 -36.24 -11.49
N ASN B 53 33.67 -35.83 -12.65
CA ASN B 53 34.91 -36.45 -13.17
C ASN B 53 36.00 -36.29 -12.12
N PHE B 54 36.67 -35.15 -12.14
CA PHE B 54 37.70 -34.88 -11.18
C PHE B 54 37.18 -33.89 -10.14
N VAL B 55 37.99 -33.63 -9.14
CA VAL B 55 37.64 -32.65 -8.14
C VAL B 55 38.97 -32.12 -7.67
N THR B 56 38.97 -30.88 -7.23
CA THR B 56 40.16 -30.23 -6.70
C THR B 56 39.57 -29.43 -5.59
N ALA B 57 39.82 -29.87 -4.37
CA ALA B 57 39.29 -29.14 -3.24
C ALA B 57 40.28 -28.07 -2.84
N ILE B 58 39.85 -27.16 -1.98
CA ILE B 58 40.68 -26.09 -1.49
C ILE B 58 40.23 -25.73 -0.07
N GLU B 59 41.21 -25.66 0.83
CA GLU B 59 41.02 -25.26 2.23
C GLU B 59 42.44 -24.98 2.59
N ILE B 60 42.72 -24.01 3.46
CA ILE B 60 44.11 -23.74 3.76
C ILE B 60 44.81 -24.57 4.81
N ASP B 61 44.35 -24.54 6.06
CA ASP B 61 45.05 -25.30 7.09
C ASP B 61 45.36 -26.75 6.72
N HIS B 62 46.63 -27.11 6.92
CA HIS B 62 47.15 -28.44 6.65
C HIS B 62 46.37 -29.59 7.23
N LYS B 63 45.89 -29.45 8.46
CA LYS B 63 45.14 -30.53 9.05
C LYS B 63 44.10 -31.01 8.08
N LEU B 64 43.04 -30.21 7.92
CA LEU B 64 41.93 -30.49 7.01
C LEU B 64 42.31 -31.28 5.75
N CYS B 65 43.31 -30.83 5.02
CA CYS B 65 43.72 -31.56 3.83
C CYS B 65 44.00 -33.04 4.10
N LYS B 66 44.65 -33.33 5.23
CA LYS B 66 44.95 -34.72 5.59
C LYS B 66 43.61 -35.40 5.81
N THR B 67 42.78 -34.80 6.66
CA THR B 67 41.46 -35.35 6.89
C THR B 67 40.88 -35.80 5.56
N THR B 68 40.69 -34.85 4.65
CA THR B 68 40.16 -35.15 3.33
C THR B 68 41.00 -36.24 2.74
N GLU B 69 42.25 -35.91 2.50
CA GLU B 69 43.22 -36.83 1.95
C GLU B 69 42.84 -38.30 2.19
N ASN B 70 42.41 -38.60 3.42
CA ASN B 70 42.06 -39.97 3.80
C ASN B 70 40.63 -40.33 3.48
N LYS B 71 39.70 -39.49 3.90
CA LYS B 71 38.30 -39.77 3.67
C LYS B 71 38.07 -40.07 2.20
N LEU B 72 39.14 -40.04 1.42
CA LEU B 72 39.11 -40.29 -0.03
C LEU B 72 40.03 -41.41 -0.50
N VAL B 73 39.76 -42.64 -0.08
CA VAL B 73 40.58 -43.77 -0.50
C VAL B 73 39.85 -44.59 -1.56
N ASP B 74 40.62 -45.30 -2.39
CA ASP B 74 40.06 -46.12 -3.45
C ASP B 74 39.31 -45.10 -4.32
N HIS B 75 39.83 -43.88 -4.30
CA HIS B 75 39.32 -42.72 -5.03
C HIS B 75 40.51 -41.82 -5.37
N ASP B 76 40.92 -41.77 -6.64
CA ASP B 76 42.06 -40.93 -7.06
C ASP B 76 41.79 -39.64 -7.85
N ASN B 77 40.63 -39.01 -7.63
CA ASN B 77 40.24 -37.72 -8.27
C ASN B 77 40.74 -36.81 -7.17
N PHE B 78 42.05 -36.72 -7.05
CA PHE B 78 42.58 -35.98 -5.94
C PHE B 78 42.67 -34.48 -5.98
N GLN B 79 43.83 -33.93 -5.64
CA GLN B 79 44.01 -32.50 -5.56
C GLN B 79 43.25 -31.89 -4.37
N VAL B 80 43.93 -31.70 -3.25
CA VAL B 80 43.24 -31.07 -2.13
C VAL B 80 44.09 -29.93 -1.59
N LEU B 81 44.61 -29.12 -2.52
CA LEU B 81 45.43 -27.94 -2.21
C LEU B 81 44.95 -27.22 -0.94
N ASN B 82 45.90 -26.62 -0.22
CA ASN B 82 45.53 -25.93 0.99
C ASN B 82 45.94 -24.45 1.00
N LYS B 83 45.66 -23.74 -0.10
CA LYS B 83 46.01 -22.33 -0.10
C LYS B 83 44.82 -21.39 0.03
N ASP B 84 45.11 -20.09 0.08
CA ASP B 84 44.12 -19.03 0.21
C ASP B 84 43.42 -18.94 -1.14
N ILE B 85 42.11 -19.23 -1.14
CA ILE B 85 41.33 -19.19 -2.37
C ILE B 85 41.49 -17.84 -3.05
N LEU B 86 41.29 -16.76 -2.29
CA LEU B 86 41.40 -15.42 -2.83
C LEU B 86 42.67 -15.29 -3.68
N GLN B 87 43.74 -15.95 -3.23
CA GLN B 87 45.03 -15.94 -3.91
C GLN B 87 45.14 -17.02 -5.03
N PHE B 88 44.20 -17.95 -5.05
CA PHE B 88 44.18 -19.03 -6.02
C PHE B 88 44.05 -18.62 -7.45
N LYS B 89 44.81 -19.25 -8.34
CA LYS B 89 44.70 -18.92 -9.76
C LYS B 89 43.84 -19.94 -10.50
N PHE B 90 42.55 -19.69 -10.63
CA PHE B 90 41.67 -20.62 -11.36
C PHE B 90 42.06 -20.76 -12.82
N PRO B 91 41.86 -21.93 -13.39
CA PRO B 91 42.21 -22.08 -14.80
C PRO B 91 41.44 -21.15 -15.72
N LYS B 92 42.10 -20.71 -16.80
CA LYS B 92 41.50 -19.83 -17.82
C LYS B 92 41.48 -20.49 -19.18
N ASN B 93 41.55 -21.82 -19.16
CA ASN B 93 41.55 -22.68 -20.35
C ASN B 93 40.39 -23.69 -20.32
N GLN B 94 40.65 -24.86 -19.71
CA GLN B 94 39.67 -25.92 -19.56
C GLN B 94 38.38 -25.40 -18.89
N SER B 95 37.26 -26.10 -19.11
CA SER B 95 35.97 -25.70 -18.55
C SER B 95 35.69 -26.45 -17.28
N TYR B 96 35.00 -25.81 -16.35
CA TYR B 96 34.73 -26.48 -15.10
C TYR B 96 33.66 -25.84 -14.21
N LYS B 97 33.38 -26.47 -13.09
CA LYS B 97 32.36 -25.94 -12.24
C LYS B 97 32.95 -25.62 -10.89
N ILE B 98 32.09 -25.30 -9.90
CA ILE B 98 32.51 -24.96 -8.55
C ILE B 98 31.42 -25.24 -7.53
N PHE B 99 31.85 -25.71 -6.36
CA PHE B 99 30.99 -26.07 -5.26
C PHE B 99 31.68 -25.59 -3.97
N GLY B 100 30.90 -25.11 -3.00
CA GLY B 100 31.49 -24.63 -1.77
C GLY B 100 30.52 -24.65 -0.59
N ASN B 101 30.82 -25.50 0.40
CA ASN B 101 29.97 -25.57 1.58
C ASN B 101 30.72 -24.73 2.59
N ILE B 102 30.81 -23.45 2.28
CA ILE B 102 31.51 -22.53 3.12
C ILE B 102 30.54 -21.55 3.78
N PRO B 103 29.25 -21.92 3.96
CA PRO B 103 28.42 -20.88 4.60
C PRO B 103 29.12 -20.60 5.92
N TYR B 104 29.04 -19.39 6.43
CA TYR B 104 29.77 -19.10 7.68
C TYR B 104 31.21 -19.28 7.17
N ASN B 105 31.86 -18.18 6.81
CA ASN B 105 33.23 -18.23 6.30
C ASN B 105 33.19 -17.66 4.88
N ILE B 106 32.00 -17.69 4.29
CA ILE B 106 31.74 -17.20 2.94
C ILE B 106 31.61 -15.69 3.02
N SER B 107 32.49 -14.99 2.31
CA SER B 107 32.48 -13.54 2.27
C SER B 107 32.05 -13.10 0.90
N THR B 108 32.31 -11.84 0.60
CA THR B 108 31.98 -11.29 -0.69
C THR B 108 33.26 -11.37 -1.51
N ASP B 109 34.39 -11.33 -0.82
CA ASP B 109 35.65 -11.41 -1.53
C ASP B 109 35.85 -12.79 -2.12
N ILE B 110 35.28 -13.81 -1.50
CA ILE B 110 35.40 -15.14 -2.06
C ILE B 110 34.39 -15.25 -3.18
N ILE B 111 33.24 -14.60 -3.03
CA ILE B 111 32.19 -14.64 -4.05
C ILE B 111 32.65 -13.94 -5.34
N ARG B 112 33.61 -13.02 -5.19
CA ARG B 112 34.13 -12.28 -6.33
C ARG B 112 35.16 -13.14 -7.05
N LYS B 113 36.14 -13.61 -6.29
CA LYS B 113 37.19 -14.48 -6.83
C LYS B 113 36.42 -15.41 -7.76
N ILE B 114 35.64 -16.26 -7.12
CA ILE B 114 34.76 -17.25 -7.70
C ILE B 114 34.02 -16.80 -8.96
N VAL B 115 33.37 -15.63 -8.93
CA VAL B 115 32.61 -15.16 -10.11
C VAL B 115 33.35 -14.32 -11.14
N PHE B 116 34.09 -13.31 -10.70
CA PHE B 116 34.75 -12.46 -11.69
C PHE B 116 36.13 -12.94 -11.98
N ASP B 117 36.68 -13.82 -11.16
CA ASP B 117 38.02 -14.26 -11.49
C ASP B 117 38.26 -15.72 -11.91
N SER B 118 37.23 -16.36 -12.45
CA SER B 118 37.33 -17.71 -12.97
C SER B 118 36.30 -17.77 -14.11
N ILE B 119 36.42 -18.78 -14.97
CA ILE B 119 35.51 -18.96 -16.09
C ILE B 119 34.66 -20.14 -15.72
N ALA B 120 34.55 -20.38 -14.41
CA ALA B 120 33.72 -21.45 -13.92
C ALA B 120 32.35 -21.29 -14.63
N ASP B 121 31.85 -22.35 -15.23
CA ASP B 121 30.59 -22.30 -15.95
C ASP B 121 29.45 -22.16 -14.96
N GLU B 122 29.50 -22.94 -13.89
CA GLU B 122 28.45 -22.88 -12.90
C GLU B 122 29.05 -22.91 -11.52
N ILE B 123 28.40 -22.20 -10.61
CA ILE B 123 28.86 -22.14 -9.23
C ILE B 123 27.74 -22.46 -8.25
N TYR B 124 27.84 -23.62 -7.62
CA TYR B 124 26.85 -24.04 -6.64
C TYR B 124 27.44 -23.80 -5.28
N LEU B 125 26.65 -23.25 -4.35
CA LEU B 125 27.18 -23.02 -3.03
C LEU B 125 26.10 -22.78 -2.06
N ILE B 126 26.29 -23.32 -0.87
CA ILE B 126 25.33 -23.17 0.23
C ILE B 126 25.83 -21.90 0.95
N VAL B 127 24.91 -20.99 1.19
CA VAL B 127 25.23 -19.72 1.82
C VAL B 127 24.06 -19.38 2.79
N GLU B 128 24.35 -18.73 3.91
CA GLU B 128 23.31 -18.37 4.87
C GLU B 128 22.21 -17.71 4.03
N TYR B 129 20.96 -18.08 4.27
CA TYR B 129 19.86 -17.53 3.45
C TYR B 129 19.87 -16.01 3.35
N GLY B 130 20.37 -15.36 4.40
CA GLY B 130 20.41 -13.92 4.42
C GLY B 130 21.41 -13.37 3.44
N PHE B 131 22.50 -14.12 3.24
CA PHE B 131 23.57 -13.72 2.33
C PHE B 131 23.08 -13.84 0.91
N ALA B 132 21.98 -14.55 0.72
CA ALA B 132 21.42 -14.71 -0.60
C ALA B 132 20.90 -13.37 -1.16
N LYS B 133 20.03 -12.66 -0.44
CA LYS B 133 19.49 -11.37 -0.94
C LYS B 133 20.62 -10.38 -1.17
N ARG B 134 21.61 -10.45 -0.29
CA ARG B 134 22.80 -9.63 -0.32
C ARG B 134 23.33 -9.68 -1.76
N LEU B 135 23.09 -10.82 -2.41
CA LEU B 135 23.51 -11.05 -3.77
C LEU B 135 22.30 -10.92 -4.68
N LEU B 136 21.13 -11.03 -4.10
CA LEU B 136 19.95 -10.96 -4.90
C LEU B 136 19.26 -9.62 -4.93
N ASN B 137 19.81 -8.55 -4.34
CA ASN B 137 19.06 -7.31 -4.48
C ASN B 137 19.69 -6.19 -5.22
N THR B 138 18.86 -5.52 -6.02
CA THR B 138 19.35 -4.38 -6.79
C THR B 138 19.56 -3.27 -5.76
N LYS B 139 20.02 -2.13 -6.23
CA LYS B 139 20.31 -1.04 -5.31
C LYS B 139 21.12 -1.77 -4.25
N ARG B 140 22.22 -2.33 -4.77
CA ARG B 140 23.22 -3.10 -4.04
C ARG B 140 24.17 -3.44 -5.19
N SER B 141 25.29 -2.74 -5.28
CA SER B 141 26.22 -2.97 -6.38
C SER B 141 26.63 -4.41 -6.57
N LEU B 142 27.01 -5.05 -5.48
CA LEU B 142 27.45 -6.44 -5.54
C LEU B 142 26.54 -7.26 -6.43
N ALA B 143 25.24 -7.15 -6.21
CA ALA B 143 24.25 -7.83 -6.99
C ALA B 143 24.25 -7.30 -8.41
N LEU B 144 24.16 -5.99 -8.54
CA LEU B 144 24.10 -5.37 -9.85
C LEU B 144 25.31 -5.73 -10.65
N PHE B 145 26.43 -6.01 -9.98
CA PHE B 145 27.68 -6.42 -10.65
C PHE B 145 27.64 -7.90 -11.08
N LEU B 146 27.33 -8.78 -10.13
CA LEU B 146 27.26 -10.21 -10.42
C LEU B 146 26.20 -10.52 -11.49
N MET B 147 25.04 -9.91 -11.37
CA MET B 147 23.96 -10.20 -12.28
C MET B 147 24.27 -9.88 -13.73
N ALA B 148 25.39 -9.22 -13.97
CA ALA B 148 25.74 -8.86 -15.34
C ALA B 148 26.38 -10.02 -16.09
N GLU B 149 26.65 -11.12 -15.41
CA GLU B 149 27.21 -12.29 -16.06
C GLU B 149 26.63 -13.58 -15.55
N VAL B 150 26.56 -13.72 -14.22
CA VAL B 150 25.94 -14.89 -13.62
C VAL B 150 24.45 -14.67 -13.33
N ASP B 151 23.69 -15.78 -13.26
CA ASP B 151 22.24 -15.77 -12.96
C ASP B 151 22.02 -16.40 -11.60
N ILE B 152 21.75 -15.55 -10.60
CA ILE B 152 21.57 -16.08 -9.28
C ILE B 152 20.17 -16.60 -9.01
N SER B 153 20.12 -17.76 -8.38
CA SER B 153 18.85 -18.39 -8.03
C SER B 153 18.95 -19.31 -6.83
N ILE B 154 17.89 -19.33 -6.04
CA ILE B 154 17.84 -20.19 -4.88
C ILE B 154 17.48 -21.55 -5.46
N LEU B 155 18.21 -22.59 -5.07
CA LEU B 155 17.94 -23.90 -5.64
C LEU B 155 17.29 -24.83 -4.64
N SER B 156 17.66 -24.64 -3.39
CA SER B 156 17.15 -25.44 -2.27
C SER B 156 17.37 -24.66 -0.98
N MET B 157 17.02 -25.27 0.14
CA MET B 157 17.24 -24.69 1.43
C MET B 157 18.05 -25.72 2.20
N VAL B 158 18.43 -25.38 3.42
CA VAL B 158 19.18 -26.30 4.21
C VAL B 158 18.62 -26.11 5.61
N PRO B 159 17.36 -26.54 5.78
CA PRO B 159 16.57 -26.46 7.01
C PRO B 159 17.23 -27.13 8.19
N ARG B 160 16.46 -27.26 9.27
CA ARG B 160 16.93 -27.91 10.48
C ARG B 160 18.42 -27.68 10.71
N GLU B 161 19.07 -28.71 11.24
CA GLU B 161 20.49 -28.64 11.48
C GLU B 161 21.08 -29.77 10.68
N TYR B 162 21.05 -29.62 9.35
CA TYR B 162 21.66 -30.61 8.48
C TYR B 162 23.12 -30.50 8.82
N PHE B 163 23.41 -29.41 9.54
CA PHE B 163 24.74 -29.09 10.01
C PHE B 163 24.71 -29.32 11.53
N HIS B 164 25.64 -28.65 12.20
CA HIS B 164 25.76 -28.66 13.65
C HIS B 164 24.69 -27.59 13.93
N PRO B 165 24.78 -26.86 15.03
CA PRO B 165 23.73 -25.85 15.21
C PRO B 165 24.27 -24.59 14.51
N LYS B 166 24.56 -23.56 15.31
CA LYS B 166 25.17 -22.30 14.87
C LYS B 166 24.40 -21.03 14.50
N PRO B 167 23.68 -20.99 13.39
CA PRO B 167 23.01 -19.74 13.10
C PRO B 167 21.80 -19.41 13.96
N LYS B 168 21.08 -18.40 13.52
CA LYS B 168 19.88 -17.91 14.19
C LYS B 168 18.77 -18.15 13.16
N VAL B 169 19.19 -18.51 11.94
CA VAL B 169 18.31 -18.78 10.80
C VAL B 169 18.65 -20.06 10.07
N ASN B 170 18.74 -19.99 8.74
CA ASN B 170 19.02 -21.16 7.87
C ASN B 170 20.05 -20.87 6.76
N SER B 171 20.43 -21.92 6.05
CA SER B 171 21.33 -21.82 4.92
C SER B 171 20.41 -21.97 3.71
N SER B 172 20.97 -22.09 2.52
CA SER B 172 20.17 -22.30 1.34
C SER B 172 21.10 -22.44 0.15
N LEU B 173 20.83 -23.43 -0.69
CA LEU B 173 21.65 -23.71 -1.86
C LEU B 173 21.39 -22.75 -2.99
N ILE B 174 22.45 -22.18 -3.55
CA ILE B 174 22.27 -21.22 -4.63
C ILE B 174 23.06 -21.67 -5.86
N ARG B 175 22.55 -21.34 -7.05
CA ARG B 175 23.24 -21.62 -8.30
C ARG B 175 23.56 -20.31 -9.01
N LEU B 176 24.81 -20.16 -9.45
CA LEU B 176 25.27 -18.97 -10.19
C LEU B 176 25.73 -19.45 -11.56
N ASN B 177 24.84 -19.36 -12.55
CA ASN B 177 25.12 -19.85 -13.88
C ASN B 177 25.30 -18.71 -14.88
N ARG B 178 26.50 -18.60 -15.45
CA ARG B 178 26.78 -17.56 -16.44
C ARG B 178 25.83 -17.59 -17.65
N LYS B 179 25.65 -16.44 -18.31
CA LYS B 179 24.83 -16.22 -19.54
C LYS B 179 25.85 -15.44 -20.29
N LYS B 180 25.82 -15.48 -21.61
CA LYS B 180 26.83 -14.68 -22.28
C LYS B 180 26.34 -13.32 -22.10
N SER B 181 27.00 -12.42 -22.77
CA SER B 181 26.60 -11.08 -22.66
C SER B 181 26.65 -10.68 -21.24
N ARG B 182 27.82 -10.25 -20.84
CA ARG B 182 27.93 -9.69 -19.54
C ARG B 182 27.89 -8.31 -20.12
N ILE B 183 28.53 -7.39 -19.45
CA ILE B 183 28.50 -6.10 -19.99
C ILE B 183 29.70 -5.91 -20.87
N SER B 184 29.48 -6.03 -22.17
CA SER B 184 30.56 -5.86 -23.12
C SER B 184 31.81 -5.35 -22.43
N HIS B 185 32.70 -6.27 -22.07
CA HIS B 185 33.96 -5.89 -21.45
C HIS B 185 34.32 -4.48 -21.93
N LYS B 186 34.21 -4.26 -23.26
CA LYS B 186 34.52 -2.98 -23.89
C LYS B 186 34.10 -1.89 -22.93
N ASP B 187 32.80 -1.79 -22.71
CA ASP B 187 32.23 -0.82 -21.79
C ASP B 187 31.90 -1.50 -20.45
N LYS B 188 32.92 -1.70 -19.63
CA LYS B 188 32.67 -2.30 -18.34
C LYS B 188 33.27 -1.35 -17.30
N GLN B 189 34.00 -0.35 -17.75
CA GLN B 189 34.45 0.59 -16.75
C GLN B 189 33.25 1.52 -16.64
N LYS B 190 32.53 1.66 -17.75
CA LYS B 190 31.32 2.50 -17.84
C LYS B 190 30.14 1.93 -17.08
N TYR B 191 30.04 0.62 -17.06
CA TYR B 191 28.97 -0.06 -16.36
C TYR B 191 29.20 0.01 -14.90
N ASN B 192 30.47 0.07 -14.50
CA ASN B 192 30.79 0.09 -13.08
C ASN B 192 30.46 1.45 -12.51
N TYR B 193 30.81 2.50 -13.25
CA TYR B 193 30.54 3.85 -12.80
C TYR B 193 29.08 3.82 -12.53
N PHE B 194 28.33 3.71 -13.62
CA PHE B 194 26.88 3.63 -13.60
C PHE B 194 26.41 2.87 -12.34
N VAL B 195 26.76 1.60 -12.24
CA VAL B 195 26.39 0.80 -11.08
C VAL B 195 26.79 1.55 -9.83
N MET B 196 28.03 2.03 -9.77
CA MET B 196 28.56 2.81 -8.63
C MET B 196 27.66 4.02 -8.25
N LYS B 197 27.51 4.94 -9.19
CA LYS B 197 26.71 6.14 -9.00
C LYS B 197 25.25 5.82 -8.70
N TRP B 198 24.64 5.00 -9.54
CA TRP B 198 23.25 4.61 -9.32
C TRP B 198 22.98 4.18 -7.87
N VAL B 199 23.58 3.07 -7.41
CA VAL B 199 23.39 2.62 -6.03
C VAL B 199 23.72 3.76 -5.04
N ASN B 200 24.71 4.59 -5.37
CA ASN B 200 25.06 5.71 -4.50
C ASN B 200 24.06 6.86 -4.64
N LYS B 201 22.92 6.59 -5.27
CA LYS B 201 21.89 7.58 -5.39
C LYS B 201 22.34 8.85 -6.12
N GLU B 202 23.63 8.93 -6.44
CA GLU B 202 24.19 10.09 -7.14
C GLU B 202 23.75 10.20 -8.61
N TYR B 203 22.44 10.17 -8.87
CA TYR B 203 21.99 10.21 -10.26
C TYR B 203 22.45 11.44 -10.98
N LYS B 204 22.99 12.39 -10.23
CA LYS B 204 23.46 13.66 -10.79
C LYS B 204 24.72 13.46 -11.64
N LYS B 205 25.38 12.32 -11.44
CA LYS B 205 26.59 12.01 -12.17
C LYS B 205 26.23 11.13 -13.38
N ILE B 206 25.12 10.41 -13.29
CA ILE B 206 24.74 9.53 -14.39
C ILE B 206 24.21 10.39 -15.52
N PHE B 207 22.90 10.44 -15.67
CA PHE B 207 22.30 11.25 -16.72
C PHE B 207 21.83 12.56 -16.13
N THR B 208 21.36 13.48 -16.99
CA THR B 208 20.80 14.78 -16.57
C THR B 208 19.33 14.51 -16.32
N LYS B 209 18.65 15.40 -15.63
CA LYS B 209 17.22 15.21 -15.34
C LYS B 209 16.37 15.09 -16.60
N ASN B 210 16.89 15.57 -17.73
CA ASN B 210 16.16 15.48 -19.01
C ASN B 210 16.10 13.98 -19.27
N GLN B 211 17.16 13.32 -18.84
CA GLN B 211 17.38 11.89 -19.01
C GLN B 211 16.88 10.99 -17.88
N PHE B 212 17.19 11.33 -16.63
CA PHE B 212 16.72 10.52 -15.52
C PHE B 212 15.25 10.22 -15.63
N ASN B 213 14.54 10.97 -16.47
CA ASN B 213 13.10 10.78 -16.64
C ASN B 213 12.74 9.74 -17.72
N ASN B 214 12.77 10.08 -19.00
CA ASN B 214 12.41 9.09 -20.04
C ASN B 214 13.14 7.78 -19.80
N SER B 215 14.36 7.88 -19.30
CA SER B 215 15.10 6.68 -19.00
C SER B 215 14.19 5.84 -18.10
N LEU B 216 13.78 6.40 -16.97
CA LEU B 216 12.90 5.71 -16.02
C LEU B 216 11.58 5.30 -16.66
N LYS B 217 11.05 6.22 -17.46
CA LYS B 217 9.77 6.04 -18.14
C LYS B 217 9.86 4.99 -19.20
N HIS B 218 11.06 4.81 -19.75
CA HIS B 218 11.26 3.85 -20.84
C HIS B 218 11.48 2.46 -20.30
N ALA B 219 12.09 2.42 -19.13
CA ALA B 219 12.35 1.18 -18.45
C ALA B 219 11.06 0.85 -17.72
N GLY B 220 10.11 1.79 -17.77
CA GLY B 220 8.84 1.62 -17.10
C GLY B 220 9.06 1.50 -15.61
N ILE B 221 9.75 2.46 -15.03
CA ILE B 221 10.08 2.41 -13.61
C ILE B 221 9.30 3.36 -12.69
N ASP B 222 8.64 2.82 -11.66
CA ASP B 222 7.88 3.62 -10.68
C ASP B 222 8.59 3.52 -9.37
N ASP B 223 8.44 2.36 -8.73
CA ASP B 223 9.05 2.14 -7.42
C ASP B 223 10.56 2.26 -7.48
N LEU B 224 11.05 3.19 -8.30
CA LEU B 224 12.47 3.49 -8.49
C LEU B 224 13.41 2.94 -7.41
N ASN B 225 12.91 2.82 -6.18
CA ASN B 225 13.68 2.27 -5.08
C ASN B 225 13.70 0.75 -5.15
N ASN B 226 12.96 0.18 -6.09
CA ASN B 226 12.92 -1.28 -6.30
C ASN B 226 13.07 -1.59 -7.78
N ILE B 227 14.31 -1.57 -8.29
CA ILE B 227 14.60 -1.83 -9.72
C ILE B 227 14.66 -3.34 -10.03
N SER B 228 14.66 -3.71 -11.31
CA SER B 228 14.66 -5.11 -11.66
C SER B 228 15.88 -5.55 -12.48
N PHE B 229 17.01 -4.93 -12.23
CA PHE B 229 18.21 -5.23 -13.00
C PHE B 229 17.77 -4.96 -14.40
N GLU B 230 16.87 -5.80 -14.93
CA GLU B 230 16.30 -5.63 -16.28
C GLU B 230 16.06 -4.16 -16.56
N GLN B 231 15.50 -3.47 -15.57
CA GLN B 231 15.24 -2.06 -15.68
C GLN B 231 16.57 -1.34 -15.54
N PHE B 232 17.38 -1.77 -14.59
CA PHE B 232 18.71 -1.21 -14.44
C PHE B 232 19.42 -1.39 -15.76
N LEU B 233 19.07 -2.46 -16.44
CA LEU B 233 19.68 -2.74 -17.71
C LEU B 233 19.21 -1.62 -18.62
N SER B 234 17.91 -1.49 -18.75
CA SER B 234 17.38 -0.46 -19.61
C SER B 234 18.12 0.83 -19.36
N LEU B 235 18.22 1.19 -18.09
CA LEU B 235 18.87 2.44 -17.70
C LEU B 235 20.26 2.53 -18.31
N PHE B 236 21.14 1.62 -17.89
CA PHE B 236 22.50 1.63 -18.40
C PHE B 236 22.50 1.84 -19.90
N ASN B 237 21.69 1.09 -20.64
CA ASN B 237 21.62 1.27 -22.09
C ASN B 237 21.26 2.68 -22.50
N SER B 238 20.22 3.27 -21.88
CA SER B 238 19.81 4.65 -22.20
C SER B 238 21.03 5.54 -21.93
N TYR B 239 21.54 5.38 -20.71
CA TYR B 239 22.71 6.09 -20.27
C TYR B 239 23.77 5.91 -21.34
N LYS B 240 24.10 4.66 -21.61
CA LYS B 240 25.10 4.33 -22.60
C LYS B 240 24.90 5.12 -23.88
N LEU B 241 23.66 5.40 -24.27
CA LEU B 241 23.47 6.13 -25.51
C LEU B 241 22.87 7.47 -25.27
N PHE B 242 23.56 8.34 -24.52
CA PHE B 242 23.03 9.67 -24.25
C PHE B 242 23.88 10.86 -24.59
N ASN B 243 25.12 10.92 -24.12
CA ASN B 243 25.90 12.13 -24.46
C ASN B 243 25.09 13.36 -24.02
N LYS B 244 25.21 13.71 -22.74
CA LYS B 244 24.48 14.83 -22.12
C LYS B 244 23.00 14.50 -22.15
#